data_5XLU
#
_entry.id   5XLU
#
_cell.length_a   50.005
_cell.length_b   85.732
_cell.length_c   124.664
_cell.angle_alpha   90.00
_cell.angle_beta   90.00
_cell.angle_gamma   90.00
#
_symmetry.space_group_name_H-M   'P 21 21 21'
#
loop_
_entity.id
_entity.type
_entity.pdbx_description
1 polymer 'Gamma glutamyl transpeptidase'
2 polymer 'Gamma glutamyl transpeptidase'
3 non-polymer GLYCEROL
4 non-polymer '(2S)-AMINO[(5S)-3-CHLORO-4,5-DIHYDROISOXAZOL-5-YL]ACETIC ACID'
5 non-polymer 'CALCIUM ION'
6 water water
#
loop_
_entity_poly.entity_id
_entity_poly.type
_entity_poly.pdbx_seq_one_letter_code
_entity_poly.pdbx_strand_id
1 'polypeptide(L)'
;MRRLAFLVVAFCLAVGCFFSPVSKAEGVMSGGDGDKVAVGKDGMVATAHPLASKIGAEVLKKGGNAIDAAIAIQYALNVT
EPMMSGIGGGGFMMVYDGETRETSIINSRERAPEGAKPDMFLDEDGKVIPFSERSRHGNAVGVPGTLKGLEAAHKKWGTK
KMEDLISPSIKLTEEGFPIDSVLADAIKDHQDKLSKTAAKDIFLPDGEPLKEGDILVQKDLAKTFKLIRKEGSKAFYDGE
IGRAIADVVQDFGGSMTPDDLSRYEVTTDKPIWGEYHGYDIASMPPPSSGGVFMLQVLKLIDDFHLSQYDPKSFEKYHLL
AETMHLSYADRAAYAGDPEFVDVPLRGLLDPDYIKERQKLISLDSMNRDVKEGDPWKYEEGEPNYEIVPQPEDKTIGE
;
A
2 'polypeptide(L)'
;TTHFTVTDQWGNVVSYTTTIEQLFGTGILVPGYGLFLNNELTDFDAIPGGANEVQPNKRPLSSMTPTIVFKDEKPVLTVG
SPGGTTIIASVFQTILNYFEYGMSLQDAIEEPRIYTNSLTSYRYESGMPEDVRRKLNDFGHKFGSNPVDIGNVQSIFIDR
ENKTFMGVADSSRNGTAVGVNNKTSAE
;
B
#
loop_
_chem_comp.id
_chem_comp.type
_chem_comp.name
_chem_comp.formula
CA non-polymer 'CALCIUM ION' 'Ca 2'
GOL non-polymer GLYCEROL 'C3 H8 O3'
#
# COMPACT_ATOMS: atom_id res chain seq x y z
N ASP A 35 -6.90 -19.79 8.99
CA ASP A 35 -7.05 -20.29 7.60
C ASP A 35 -6.98 -19.16 6.59
N LYS A 36 -6.87 -19.53 5.35
CA LYS A 36 -6.72 -18.60 4.24
C LYS A 36 -8.03 -18.06 3.78
N VAL A 37 -9.11 -18.82 4.03
CA VAL A 37 -10.47 -18.45 3.65
C VAL A 37 -11.34 -18.65 4.89
N ALA A 38 -12.24 -17.73 5.19
CA ALA A 38 -13.12 -17.85 6.32
C ALA A 38 -14.47 -17.25 5.97
N VAL A 39 -15.48 -17.68 6.75
CA VAL A 39 -16.83 -17.14 6.68
C VAL A 39 -17.27 -16.77 8.07
N GLY A 40 -18.17 -15.81 8.15
CA GLY A 40 -18.65 -15.36 9.40
C GLY A 40 -19.89 -14.56 9.19
N LYS A 41 -20.79 -14.60 10.20
CA LYS A 41 -22.08 -13.91 10.13
C LYS A 41 -21.98 -12.50 10.59
N ASP A 42 -21.22 -12.23 11.66
CA ASP A 42 -21.25 -10.99 12.38
C ASP A 42 -20.01 -10.10 12.26
N GLY A 43 -19.03 -10.58 11.47
CA GLY A 43 -17.83 -9.79 11.24
C GLY A 43 -16.81 -10.64 10.55
N MET A 44 -15.78 -9.94 10.04
CA MET A 44 -14.73 -10.58 9.30
C MET A 44 -13.47 -9.72 9.36
N VAL A 45 -12.34 -10.39 9.54
CA VAL A 45 -10.98 -9.73 9.48
C VAL A 45 -10.14 -10.51 8.50
N ALA A 46 -9.33 -9.81 7.69
CA ALA A 46 -8.30 -10.44 6.88
C ALA A 46 -7.05 -9.54 6.94
N THR A 47 -5.99 -10.19 7.41
CA THR A 47 -4.68 -9.48 7.58
C THR A 47 -3.54 -10.40 7.20
N ALA A 48 -2.35 -9.81 7.03
CA ALA A 48 -1.14 -10.57 6.64
C ALA A 48 -0.48 -11.37 7.77
N HIS A 49 -0.99 -11.28 9.01
CA HIS A 49 -0.31 -12.03 10.14
C HIS A 49 -1.36 -12.67 11.01
N PRO A 50 -1.24 -13.95 11.30
CA PRO A 50 -2.30 -14.64 12.10
C PRO A 50 -2.52 -13.98 13.43
N LEU A 51 -1.49 -13.50 14.11
CA LEU A 51 -1.69 -12.90 15.44
C LEU A 51 -2.47 -11.60 15.37
N ALA A 52 -2.28 -10.83 14.30
CA ALA A 52 -3.02 -9.58 14.09
C ALA A 52 -4.45 -9.89 13.72
N SER A 53 -4.68 -10.92 12.91
CA SER A 53 -6.07 -11.27 12.59
C SER A 53 -6.83 -11.69 13.83
N LYS A 54 -6.14 -12.48 14.69
CA LYS A 54 -6.81 -12.87 15.96
C LYS A 54 -7.12 -11.69 16.87
N ILE A 55 -6.20 -10.75 16.99
CA ILE A 55 -6.44 -9.57 17.78
C ILE A 55 -7.64 -8.76 17.25
N GLY A 56 -7.70 -8.56 15.92
CA GLY A 56 -8.82 -7.80 15.41
C GLY A 56 -10.15 -8.53 15.53
N ALA A 57 -10.17 -9.84 15.35
CA ALA A 57 -11.40 -10.64 15.51
C ALA A 57 -11.85 -10.55 16.95
N GLU A 58 -10.94 -10.57 17.89
CA GLU A 58 -11.32 -10.46 19.35
C GLU A 58 -11.95 -9.16 19.61
N VAL A 59 -11.48 -8.04 19.06
CA VAL A 59 -12.15 -6.78 19.24
C VAL A 59 -13.61 -6.80 18.78
N LEU A 60 -13.82 -7.40 17.65
CA LEU A 60 -15.19 -7.54 17.12
C LEU A 60 -16.01 -8.49 18.05
N LYS A 61 -15.41 -9.59 18.44
CA LYS A 61 -16.16 -10.57 19.34
C LYS A 61 -16.57 -9.83 20.59
N LYS A 62 -15.79 -8.91 21.11
CA LYS A 62 -16.17 -8.15 22.31
C LYS A 62 -16.94 -6.89 22.08
N GLY A 63 -17.52 -6.80 20.87
CA GLY A 63 -18.44 -5.71 20.54
C GLY A 63 -17.94 -4.41 20.07
N GLY A 64 -16.65 -4.38 19.76
CA GLY A 64 -16.12 -3.28 19.02
C GLY A 64 -16.51 -3.29 17.54
N ASN A 65 -16.27 -2.16 16.91
CA ASN A 65 -16.64 -2.00 15.49
C ASN A 65 -15.40 -2.18 14.63
N ALA A 66 -15.62 -2.09 13.35
CA ALA A 66 -14.51 -2.36 12.43
C ALA A 66 -13.38 -1.37 12.50
N ILE A 67 -13.68 -0.16 12.93
CA ILE A 67 -12.62 0.83 13.11
C ILE A 67 -11.80 0.54 14.35
N ASP A 68 -12.50 0.17 15.46
CA ASP A 68 -11.80 -0.22 16.69
C ASP A 68 -10.87 -1.36 16.32
N ALA A 69 -11.38 -2.37 15.62
CA ALA A 69 -10.59 -3.56 15.24
C ALA A 69 -9.42 -3.18 14.36
N ALA A 70 -9.65 -2.31 13.39
CA ALA A 70 -8.57 -1.89 12.51
C ALA A 70 -7.44 -1.22 13.27
N ILE A 71 -7.79 -0.40 14.28
CA ILE A 71 -6.77 0.28 15.08
C ILE A 71 -5.92 -0.78 15.81
N ALA A 72 -6.60 -1.75 16.42
CA ALA A 72 -5.92 -2.79 17.16
C ALA A 72 -5.03 -3.60 16.18
N ILE A 73 -5.51 -3.88 14.96
CA ILE A 73 -4.74 -4.56 14.00
C ILE A 73 -3.49 -3.78 13.57
N GLN A 74 -3.59 -2.48 13.38
CA GLN A 74 -2.39 -1.72 13.01
C GLN A 74 -1.32 -1.87 14.12
N TYR A 75 -1.72 -1.70 15.37
CA TYR A 75 -0.76 -1.88 16.44
C TYR A 75 -0.16 -3.24 16.43
N ALA A 76 -0.95 -4.25 16.24
CA ALA A 76 -0.49 -5.61 16.21
C ALA A 76 0.49 -5.87 15.07
N LEU A 77 0.15 -5.39 13.88
CA LEU A 77 1.09 -5.54 12.74
C LEU A 77 2.37 -4.77 12.96
N ASN A 78 2.31 -3.67 13.64
CA ASN A 78 3.56 -2.92 13.94
C ASN A 78 4.52 -3.81 14.78
N VAL A 79 3.99 -4.67 15.61
CA VAL A 79 4.82 -5.53 16.46
C VAL A 79 5.24 -6.75 15.71
N THR A 80 4.28 -7.47 15.09
CA THR A 80 4.50 -8.80 14.51
C THR A 80 5.02 -8.82 13.06
N GLU A 81 4.74 -7.76 12.31
CA GLU A 81 5.14 -7.56 10.96
C GLU A 81 5.86 -6.22 10.86
N PRO A 82 6.86 -5.95 11.68
CA PRO A 82 7.46 -4.61 11.83
C PRO A 82 8.19 -4.08 10.64
N MET A 83 8.53 -4.98 9.68
CA MET A 83 9.12 -4.52 8.46
C MET A 83 8.16 -3.83 7.52
N MET A 84 6.84 -4.05 7.69
CA MET A 84 5.88 -3.63 6.70
C MET A 84 5.11 -2.36 7.04
N SER A 85 4.89 -2.01 8.33
CA SER A 85 4.09 -0.85 8.68
C SER A 85 4.26 -0.54 10.14
N GLY A 86 3.76 0.64 10.50
CA GLY A 86 3.64 1.02 11.92
C GLY A 86 3.74 2.50 12.16
N ILE A 87 3.93 2.87 13.42
CA ILE A 87 3.92 4.28 13.80
C ILE A 87 5.05 5.13 13.27
N GLY A 88 6.06 4.51 12.65
CA GLY A 88 7.12 5.18 11.92
C GLY A 88 6.81 5.40 10.43
N GLY A 89 5.57 5.14 10.00
CA GLY A 89 5.16 5.34 8.55
C GLY A 89 3.88 6.08 8.38
N GLY A 90 3.14 5.66 7.37
CA GLY A 90 1.89 6.30 7.00
C GLY A 90 1.03 5.38 6.15
N GLY A 91 -0.22 5.78 5.94
CA GLY A 91 -1.14 4.92 5.18
C GLY A 91 -2.40 5.59 4.76
N PHE A 92 -3.24 4.79 4.14
CA PHE A 92 -4.55 5.26 3.64
C PHE A 92 -5.60 4.30 4.14
N MET A 93 -6.49 4.75 5.02
CA MET A 93 -7.52 3.94 5.69
C MET A 93 -8.85 4.35 5.11
N MET A 94 -9.35 3.53 4.18
CA MET A 94 -10.67 3.74 3.57
C MET A 94 -11.74 3.12 4.47
N VAL A 95 -12.77 3.94 4.79
CA VAL A 95 -13.88 3.54 5.66
C VAL A 95 -15.23 3.88 5.02
N TYR A 96 -16.01 2.83 4.81
CA TYR A 96 -17.47 3.00 4.56
C TYR A 96 -18.17 2.96 5.92
N ASP A 97 -18.88 4.07 6.20
CA ASP A 97 -19.62 4.31 7.53
C ASP A 97 -21.05 3.78 7.30
N GLY A 98 -21.39 2.73 8.00
CA GLY A 98 -22.67 2.09 7.82
C GLY A 98 -23.84 2.91 8.35
N GLU A 99 -23.60 3.92 9.14
CA GLU A 99 -24.68 4.81 9.61
C GLU A 99 -24.89 5.93 8.67
N THR A 100 -23.84 6.66 8.28
CA THR A 100 -23.98 7.84 7.41
C THR A 100 -24.06 7.43 5.95
N ARG A 101 -23.57 6.27 5.61
CA ARG A 101 -23.51 5.74 4.20
C ARG A 101 -22.44 6.47 3.41
N GLU A 102 -21.54 7.16 4.08
CA GLU A 102 -20.43 7.93 3.39
C GLU A 102 -19.16 7.09 3.46
N THR A 103 -18.38 7.19 2.37
CA THR A 103 -17.04 6.57 2.30
C THR A 103 -16.03 7.67 2.36
N SER A 104 -15.09 7.55 3.33
CA SER A 104 -14.05 8.58 3.42
C SER A 104 -12.69 7.87 3.68
N ILE A 105 -11.59 8.64 3.60
CA ILE A 105 -10.27 8.03 3.75
C ILE A 105 -9.49 8.84 4.77
N ILE A 106 -8.98 8.22 5.82
CA ILE A 106 -8.03 8.90 6.74
C ILE A 106 -6.66 8.75 6.05
N ASN A 107 -6.11 9.85 5.67
CA ASN A 107 -4.90 9.89 4.90
C ASN A 107 -3.78 10.32 5.85
N SER A 108 -2.93 9.37 6.18
CA SER A 108 -1.77 9.57 7.10
C SER A 108 -0.43 9.43 6.35
N ARG A 109 -0.45 9.73 5.07
CA ARG A 109 0.80 9.77 4.30
C ARG A 109 1.81 10.71 4.93
N GLU A 110 3.08 10.34 4.92
CA GLU A 110 4.11 11.17 5.49
C GLU A 110 4.39 12.39 4.69
N ARG A 111 4.96 13.45 5.33
CA ARG A 111 5.38 14.64 4.58
C ARG A 111 6.83 14.87 4.65
N ALA A 112 7.40 15.52 3.64
CA ALA A 112 8.78 15.95 3.69
C ALA A 112 8.94 17.03 4.80
N PRO A 113 10.05 16.94 5.53
CA PRO A 113 10.32 18.07 6.48
C PRO A 113 10.56 19.37 5.76
N GLU A 114 10.53 20.47 6.52
CA GLU A 114 10.74 21.77 5.96
C GLU A 114 12.09 21.92 5.33
N GLY A 115 13.12 21.25 5.84
CA GLY A 115 14.43 21.36 5.24
C GLY A 115 14.72 20.51 4.04
N ALA A 116 13.73 19.70 3.65
CA ALA A 116 13.87 18.96 2.40
C ALA A 116 14.05 19.91 1.20
N LYS A 117 14.82 19.48 0.20
CA LYS A 117 15.07 20.31 -0.96
C LYS A 117 14.83 19.47 -2.23
N PRO A 118 14.35 20.10 -3.31
CA PRO A 118 14.11 19.41 -4.60
C PRO A 118 15.24 18.56 -5.06
N ASP A 119 16.48 18.96 -4.84
CA ASP A 119 17.62 18.22 -5.32
C ASP A 119 18.30 17.34 -4.28
N MET A 120 17.60 16.98 -3.19
CA MET A 120 18.27 16.30 -2.06
C MET A 120 18.70 14.90 -2.37
N PHE A 121 18.12 14.30 -3.38
CA PHE A 121 18.51 12.97 -3.85
C PHE A 121 19.56 12.90 -4.95
N LEU A 122 20.14 14.06 -5.21
CA LEU A 122 21.21 14.19 -6.14
C LEU A 122 22.43 14.60 -5.33
N ASP A 123 23.55 14.17 -5.84
CA ASP A 123 24.85 14.62 -5.34
C ASP A 123 25.19 15.98 -5.92
N GLU A 124 26.30 16.60 -5.52
CA GLU A 124 26.58 17.98 -5.91
C GLU A 124 26.96 18.10 -7.38
N ASP A 125 27.24 16.99 -8.05
CA ASP A 125 27.38 16.95 -9.50
C ASP A 125 26.06 16.63 -10.29
N GLY A 126 24.93 16.54 -9.57
CA GLY A 126 23.67 16.25 -10.26
C GLY A 126 23.34 14.81 -10.58
N LYS A 127 24.16 13.87 -10.07
CA LYS A 127 23.94 12.48 -10.36
C LYS A 127 23.03 11.94 -9.20
N VAL A 128 22.09 11.14 -9.60
CA VAL A 128 21.10 10.52 -8.69
C VAL A 128 21.83 9.62 -7.75
N ILE A 129 21.62 9.81 -6.44
CA ILE A 129 22.26 8.98 -5.43
C ILE A 129 21.67 7.56 -5.52
N PRO A 130 22.47 6.51 -5.58
CA PRO A 130 21.92 5.17 -5.77
C PRO A 130 20.82 4.83 -4.72
N PHE A 131 19.82 4.11 -5.20
CA PHE A 131 18.63 3.79 -4.38
C PHE A 131 18.97 3.16 -3.05
N SER A 132 19.89 2.19 -3.02
CA SER A 132 20.17 1.54 -1.76
C SER A 132 20.68 2.59 -0.72
N GLU A 133 21.55 3.47 -1.16
CA GLU A 133 22.05 4.49 -0.32
C GLU A 133 21.03 5.53 0.10
N ARG A 134 20.30 6.09 -0.87
CA ARG A 134 19.42 7.15 -0.50
C ARG A 134 18.24 6.63 0.35
N SER A 135 17.86 5.37 0.11
CA SER A 135 16.74 4.77 0.90
C SER A 135 17.15 4.49 2.35
N ARG A 136 18.44 4.49 2.72
CA ARG A 136 18.85 4.33 4.12
C ARG A 136 19.20 5.60 4.83
N HIS A 137 19.13 6.74 4.08
CA HIS A 137 19.65 7.97 4.63
C HIS A 137 18.55 8.74 5.34
N GLY A 138 18.89 9.66 6.26
CA GLY A 138 17.91 10.41 6.95
C GLY A 138 17.07 11.32 6.05
N ASN A 139 17.58 11.77 4.92
CA ASN A 139 16.79 12.56 3.98
C ASN A 139 15.57 11.79 3.46
N ALA A 140 15.55 10.45 3.62
CA ALA A 140 14.42 9.66 3.14
C ALA A 140 13.25 9.64 4.07
N VAL A 141 13.48 10.08 5.31
CA VAL A 141 12.45 9.86 6.38
C VAL A 141 11.38 10.93 6.32
N GLY A 142 10.13 10.61 5.98
CA GLY A 142 9.04 11.50 6.13
C GLY A 142 8.51 11.60 7.53
N VAL A 143 7.87 12.71 7.82
CA VAL A 143 7.24 12.85 9.11
C VAL A 143 6.15 11.78 9.21
N PRO A 144 6.22 10.93 10.21
CA PRO A 144 5.23 9.83 10.27
C PRO A 144 3.87 10.25 10.58
N GLY A 145 2.87 9.63 9.93
CA GLY A 145 1.44 9.91 10.16
C GLY A 145 0.61 8.85 10.82
N THR A 146 1.04 7.60 10.75
CA THR A 146 0.14 6.48 11.16
C THR A 146 -0.54 6.74 12.50
N LEU A 147 0.23 7.11 13.53
CA LEU A 147 -0.39 7.25 14.84
C LEU A 147 -1.47 8.33 14.84
N LYS A 148 -1.25 9.46 14.20
CA LYS A 148 -2.28 10.48 14.07
C LYS A 148 -3.46 10.01 13.25
N GLY A 149 -3.22 9.09 12.32
CA GLY A 149 -4.29 8.48 11.58
C GLY A 149 -5.18 7.63 12.46
N LEU A 150 -4.55 6.81 13.33
CA LEU A 150 -5.34 6.01 14.24
C LEU A 150 -6.16 6.87 15.20
N GLU A 151 -5.56 7.93 15.67
CA GLU A 151 -6.31 8.88 16.57
C GLU A 151 -7.45 9.55 15.81
N ALA A 152 -7.29 9.93 14.55
CA ALA A 152 -8.39 10.57 13.80
C ALA A 152 -9.49 9.55 13.58
N ALA A 153 -9.17 8.31 13.28
CA ALA A 153 -10.18 7.28 13.07
C ALA A 153 -10.90 7.01 14.36
N HIS A 154 -10.18 6.98 15.47
CA HIS A 154 -10.83 6.74 16.76
C HIS A 154 -11.75 7.92 17.14
N LYS A 155 -11.31 9.13 16.87
CA LYS A 155 -12.18 10.30 17.21
C LYS A 155 -13.47 10.17 16.42
N LYS A 156 -13.42 9.77 15.14
CA LYS A 156 -14.64 9.77 14.34
C LYS A 156 -15.59 8.61 14.63
N TRP A 157 -15.04 7.42 14.83
CA TRP A 157 -15.75 6.18 14.83
C TRP A 157 -15.52 5.28 16.01
N GLY A 158 -14.53 5.54 16.86
CA GLY A 158 -14.16 4.63 17.89
C GLY A 158 -15.26 4.46 18.95
N THR A 159 -15.32 3.26 19.42
CA THR A 159 -16.21 2.94 20.56
C THR A 159 -15.51 2.27 21.70
N LYS A 160 -14.29 1.76 21.52
CA LYS A 160 -13.46 1.17 22.60
C LYS A 160 -12.37 2.16 22.92
N LYS A 161 -12.00 2.28 24.20
CA LYS A 161 -10.87 3.15 24.50
C LYS A 161 -9.56 2.70 23.82
N MET A 162 -8.83 3.66 23.43
CA MET A 162 -7.51 3.46 22.82
C MET A 162 -6.58 2.54 23.69
N GLU A 163 -6.70 2.55 25.02
CA GLU A 163 -5.87 1.64 25.86
C GLU A 163 -6.22 0.19 25.64
N ASP A 164 -7.46 -0.12 25.38
CA ASP A 164 -7.86 -1.43 25.14
C ASP A 164 -7.30 -1.89 23.78
N LEU A 165 -7.26 -0.95 22.84
CA LEU A 165 -6.92 -1.34 21.49
C LEU A 165 -5.38 -1.52 21.37
N ILE A 166 -4.63 -0.82 22.15
CA ILE A 166 -3.18 -0.94 22.10
C ILE A 166 -2.63 -2.05 23.04
N SER A 167 -3.38 -2.41 24.04
CA SER A 167 -2.85 -3.30 25.07
C SER A 167 -2.40 -4.67 24.62
N PRO A 168 -3.08 -5.31 23.65
CA PRO A 168 -2.65 -6.62 23.20
C PRO A 168 -1.24 -6.53 22.54
N SER A 169 -0.99 -5.39 21.88
CA SER A 169 0.29 -5.19 21.21
C SER A 169 1.40 -4.85 22.20
N ILE A 170 1.08 -4.17 23.30
CA ILE A 170 2.05 -4.00 24.39
C ILE A 170 2.50 -5.34 24.87
N LYS A 171 1.62 -6.29 25.03
CA LYS A 171 2.00 -7.60 25.50
C LYS A 171 2.87 -8.37 24.51
N LEU A 172 2.51 -8.32 23.23
CA LEU A 172 3.37 -8.93 22.19
C LEU A 172 4.74 -8.33 22.13
N THR A 173 4.81 -7.01 22.28
CA THR A 173 6.12 -6.33 22.29
C THR A 173 6.93 -6.69 23.54
N GLU A 174 6.30 -6.58 24.70
CA GLU A 174 7.03 -6.78 25.97
C GLU A 174 7.38 -8.16 26.27
N GLU A 175 6.51 -9.12 25.98
CA GLU A 175 6.71 -10.47 26.37
C GLU A 175 7.21 -11.34 25.20
N GLY A 176 7.06 -10.82 23.99
CA GLY A 176 7.52 -11.52 22.80
C GLY A 176 6.51 -12.43 22.13
N PHE A 177 6.87 -12.86 20.94
CA PHE A 177 6.08 -13.83 20.17
C PHE A 177 7.06 -14.55 19.25
N PRO A 178 6.68 -15.72 18.71
CA PRO A 178 7.51 -16.48 17.77
C PRO A 178 7.39 -15.94 16.37
N ILE A 179 8.50 -15.53 15.78
CA ILE A 179 8.40 -14.88 14.47
C ILE A 179 8.02 -15.91 13.42
N ASP A 180 7.30 -15.37 12.41
CA ASP A 180 6.94 -16.23 11.24
C ASP A 180 8.01 -16.24 10.19
N SER A 181 7.78 -16.99 9.11
CA SER A 181 8.70 -17.08 8.03
C SER A 181 8.96 -15.83 7.28
N VAL A 182 7.91 -15.04 7.05
CA VAL A 182 8.04 -13.82 6.26
C VAL A 182 8.97 -12.82 7.01
N LEU A 183 8.75 -12.66 8.30
CA LEU A 183 9.62 -11.81 9.07
C LEU A 183 11.06 -12.42 9.16
N ALA A 184 11.18 -13.71 9.39
CA ALA A 184 12.55 -14.31 9.44
C ALA A 184 13.27 -14.04 8.11
N ASP A 185 12.55 -14.23 6.98
CA ASP A 185 13.19 -14.01 5.71
C ASP A 185 13.58 -12.55 5.56
N ALA A 186 12.72 -11.63 5.97
CA ALA A 186 12.99 -10.24 5.84
C ALA A 186 14.24 -9.84 6.62
N ILE A 187 14.38 -10.36 7.83
CA ILE A 187 15.60 -10.03 8.62
C ILE A 187 16.86 -10.47 7.92
N LYS A 188 16.83 -11.70 7.44
CA LYS A 188 17.96 -12.23 6.68
C LYS A 188 18.24 -11.39 5.46
N ASP A 189 17.20 -11.08 4.67
CA ASP A 189 17.47 -10.31 3.46
C ASP A 189 17.89 -8.92 3.70
N HIS A 190 17.58 -8.32 4.84
CA HIS A 190 17.93 -6.94 5.12
C HIS A 190 18.95 -6.80 6.17
N GLN A 191 19.70 -7.84 6.41
CA GLN A 191 20.66 -7.81 7.51
C GLN A 191 21.71 -6.71 7.37
N ASP A 192 22.17 -6.46 6.16
CA ASP A 192 23.18 -5.39 6.03
C ASP A 192 22.64 -4.05 6.47
N LYS A 193 21.43 -3.71 5.97
CA LYS A 193 20.79 -2.46 6.38
C LYS A 193 20.61 -2.38 7.90
N LEU A 194 20.12 -3.49 8.49
CA LEU A 194 19.85 -3.47 9.91
C LEU A 194 21.10 -3.41 10.79
N SER A 195 22.19 -3.98 10.19
CA SER A 195 23.45 -3.99 10.94
C SER A 195 23.99 -2.63 11.20
N LYS A 196 23.53 -1.60 10.47
CA LYS A 196 24.01 -0.23 10.63
C LYS A 196 23.28 0.64 11.61
N THR A 197 22.27 0.11 12.32
CA THR A 197 21.39 0.93 13.11
C THR A 197 21.11 0.25 14.47
N ALA A 198 20.35 0.93 15.33
CA ALA A 198 20.01 0.39 16.64
C ALA A 198 19.11 -0.88 16.49
N ALA A 199 18.65 -1.25 15.27
CA ALA A 199 17.99 -2.53 15.07
C ALA A 199 18.80 -3.73 15.43
N LYS A 200 20.12 -3.59 15.22
CA LYS A 200 20.94 -4.78 15.21
C LYS A 200 20.89 -5.63 16.48
N ASP A 201 20.80 -5.03 17.68
CA ASP A 201 20.86 -5.85 18.89
C ASP A 201 19.55 -6.62 19.07
N ILE A 202 18.46 -6.15 18.47
CA ILE A 202 17.15 -6.82 18.61
C ILE A 202 17.00 -7.89 17.53
N PHE A 203 17.29 -7.53 16.28
CA PHE A 203 17.00 -8.38 15.14
C PHE A 203 18.12 -9.30 14.65
N LEU A 204 19.33 -8.86 15.03
CA LEU A 204 20.58 -9.58 14.69
C LEU A 204 21.37 -9.87 15.97
N PRO A 205 20.78 -10.49 16.97
CA PRO A 205 21.56 -10.73 18.22
C PRO A 205 22.79 -11.56 17.99
N ASP A 206 23.87 -11.10 18.64
CA ASP A 206 25.15 -11.73 18.54
C ASP A 206 25.57 -11.87 17.06
N GLY A 207 25.10 -10.95 16.15
CA GLY A 207 25.46 -10.90 14.72
C GLY A 207 24.70 -11.81 13.81
N GLU A 208 23.67 -12.55 14.31
CA GLU A 208 22.95 -13.54 13.53
C GLU A 208 21.45 -13.18 13.50
N PRO A 209 20.89 -13.14 12.28
CA PRO A 209 19.42 -12.97 12.25
C PRO A 209 18.61 -13.94 13.08
N LEU A 210 17.56 -13.45 13.74
CA LEU A 210 16.56 -14.33 14.33
C LEU A 210 15.97 -15.24 13.26
N LYS A 211 15.71 -16.49 13.58
CA LYS A 211 15.14 -17.47 12.68
C LYS A 211 13.67 -17.69 12.95
N GLU A 212 12.95 -18.32 12.03
CA GLU A 212 11.55 -18.66 12.18
C GLU A 212 11.35 -19.40 13.47
N GLY A 213 10.39 -18.96 14.25
CA GLY A 213 10.08 -19.55 15.51
C GLY A 213 10.82 -18.94 16.73
N ASP A 214 11.91 -18.23 16.49
CA ASP A 214 12.61 -17.58 17.60
C ASP A 214 11.69 -16.52 18.19
N ILE A 215 11.76 -16.29 19.49
CA ILE A 215 11.02 -15.27 20.13
C ILE A 215 11.65 -13.92 19.87
N LEU A 216 10.80 -12.99 19.38
CA LEU A 216 11.14 -11.56 19.22
C LEU A 216 10.55 -10.77 20.36
N VAL A 217 11.43 -10.17 21.18
CA VAL A 217 11.05 -9.29 22.23
C VAL A 217 11.45 -7.89 21.88
N GLN A 218 10.53 -6.93 22.09
CA GLN A 218 10.68 -5.54 21.66
C GLN A 218 10.37 -4.64 22.85
N LYS A 219 11.30 -4.60 23.82
CA LYS A 219 11.06 -3.88 25.05
C LYS A 219 10.91 -2.39 24.80
N ASP A 220 11.78 -1.82 24.01
CA ASP A 220 11.66 -0.36 23.73
C ASP A 220 10.30 -0.02 23.04
N LEU A 221 9.92 -0.87 22.07
CA LEU A 221 8.65 -0.62 21.39
C LEU A 221 7.48 -0.70 22.43
N ALA A 222 7.56 -1.66 23.37
CA ALA A 222 6.58 -1.76 24.42
C ALA A 222 6.49 -0.45 25.22
N LYS A 223 7.69 0.03 25.60
CA LYS A 223 7.79 1.31 26.34
C LYS A 223 7.13 2.45 25.58
N THR A 224 7.36 2.53 24.27
CA THR A 224 6.73 3.49 23.43
C THR A 224 5.20 3.37 23.40
N PHE A 225 4.70 2.15 23.24
CA PHE A 225 3.28 1.91 23.27
C PHE A 225 2.63 2.25 24.62
N LYS A 226 3.37 1.94 25.74
CA LYS A 226 2.89 2.38 27.05
C LYS A 226 2.76 3.88 27.14
N LEU A 227 3.71 4.55 26.59
CA LEU A 227 3.70 6.04 26.61
C LEU A 227 2.51 6.53 25.84
N ILE A 228 2.27 6.00 24.65
CA ILE A 228 1.14 6.41 23.83
C ILE A 228 -0.17 6.07 24.56
N ARG A 229 -0.21 4.96 25.24
CA ARG A 229 -1.38 4.54 26.01
C ARG A 229 -1.65 5.56 27.12
N LYS A 230 -0.61 6.06 27.75
CA LYS A 230 -0.74 7.04 28.83
C LYS A 230 -1.04 8.46 28.35
N GLU A 231 -0.34 8.94 27.31
CA GLU A 231 -0.26 10.34 26.97
C GLU A 231 -0.91 10.67 25.63
N GLY A 232 -1.21 9.64 24.86
CA GLY A 232 -1.62 9.85 23.45
C GLY A 232 -0.46 10.27 22.57
N SER A 233 -0.82 10.71 21.38
CA SER A 233 0.19 11.11 20.39
C SER A 233 1.05 12.32 20.66
N LYS A 234 0.73 13.12 21.73
CA LYS A 234 1.58 14.22 22.07
C LYS A 234 3.00 13.72 22.36
N ALA A 235 3.11 12.52 22.94
CA ALA A 235 4.43 11.98 23.25
C ALA A 235 5.31 11.79 22.01
N PHE A 236 4.60 11.57 20.89
CA PHE A 236 5.25 11.36 19.61
C PHE A 236 5.49 12.66 18.83
N TYR A 237 4.44 13.52 18.75
CA TYR A 237 4.47 14.70 17.84
C TYR A 237 4.95 15.96 18.58
N ASP A 238 4.99 15.92 19.94
CA ASP A 238 5.37 17.11 20.78
C ASP A 238 5.92 16.60 22.09
N GLY A 239 6.91 15.74 22.04
CA GLY A 239 7.37 15.00 23.19
C GLY A 239 8.58 14.16 22.99
N GLU A 240 8.85 13.33 23.98
CA GLU A 240 10.11 12.60 24.03
C GLU A 240 10.42 11.68 22.81
N ILE A 241 9.35 11.04 22.32
CA ILE A 241 9.56 10.14 21.15
C ILE A 241 9.93 10.99 19.93
N GLY A 242 9.21 12.08 19.77
CA GLY A 242 9.48 13.01 18.69
C GLY A 242 10.90 13.53 18.68
N ARG A 243 11.41 13.90 19.86
CA ARG A 243 12.78 14.42 19.91
C ARG A 243 13.78 13.36 19.54
N ALA A 244 13.55 12.10 19.96
CA ALA A 244 14.41 11.02 19.56
C ALA A 244 14.31 10.73 18.04
N ILE A 245 13.13 10.87 17.47
CA ILE A 245 12.98 10.74 15.99
C ILE A 245 13.82 11.79 15.27
N ALA A 246 13.63 13.04 15.69
CA ALA A 246 14.37 14.11 15.04
C ALA A 246 15.84 13.95 15.19
N ASP A 247 16.26 13.59 16.40
CA ASP A 247 17.70 13.39 16.61
C ASP A 247 18.35 12.25 15.75
N VAL A 248 17.65 11.13 15.59
CA VAL A 248 18.22 10.05 14.83
C VAL A 248 18.12 10.34 13.30
N VAL A 249 17.08 11.02 12.89
CA VAL A 249 17.01 11.48 11.49
C VAL A 249 18.23 12.36 11.17
N GLN A 250 18.49 13.31 12.10
CA GLN A 250 19.67 14.20 11.87
C GLN A 250 20.94 13.42 11.95
N ASP A 251 21.05 12.46 12.87
CA ASP A 251 22.25 11.64 12.98
C ASP A 251 22.55 10.92 11.67
N PHE A 252 21.50 10.53 10.93
CA PHE A 252 21.65 9.87 9.67
C PHE A 252 21.58 10.79 8.46
N GLY A 253 21.66 12.09 8.70
CA GLY A 253 21.91 13.10 7.69
C GLY A 253 20.70 13.89 7.25
N GLY A 254 19.52 13.57 7.78
CA GLY A 254 18.35 14.30 7.43
C GLY A 254 18.12 15.58 8.19
N SER A 255 17.09 16.30 7.82
CA SER A 255 16.84 17.62 8.35
C SER A 255 15.65 17.72 9.29
N MET A 256 14.85 16.66 9.54
CA MET A 256 13.73 16.76 10.33
C MET A 256 14.00 17.31 11.73
N THR A 257 13.13 18.18 12.18
CA THR A 257 13.20 18.77 13.50
C THR A 257 11.94 18.49 14.29
N PRO A 258 11.95 18.78 15.64
CA PRO A 258 10.73 18.68 16.35
C PRO A 258 9.57 19.54 15.80
N ASP A 259 9.88 20.74 15.32
CA ASP A 259 8.89 21.61 14.65
C ASP A 259 8.16 20.91 13.43
N ASP A 260 8.94 20.15 12.67
CA ASP A 260 8.32 19.31 11.63
C ASP A 260 7.30 18.35 12.21
N LEU A 261 7.65 17.71 13.29
CA LEU A 261 6.73 16.81 13.95
C LEU A 261 5.47 17.45 14.53
N SER A 262 5.64 18.64 15.17
CA SER A 262 4.51 19.28 15.78
C SER A 262 3.57 19.97 14.77
N ARG A 263 4.06 20.15 13.54
CA ARG A 263 3.26 20.77 12.45
C ARG A 263 2.24 19.69 11.89
N TYR A 264 2.62 18.38 11.97
CA TYR A 264 1.85 17.39 11.22
C TYR A 264 0.43 17.14 11.69
N GLU A 265 -0.48 16.97 10.74
CA GLU A 265 -1.82 16.49 11.00
C GLU A 265 -2.25 15.66 9.79
N VAL A 266 -3.08 14.71 10.01
CA VAL A 266 -3.61 13.91 8.88
C VAL A 266 -4.64 14.72 8.16
N THR A 267 -5.09 14.18 7.05
CA THR A 267 -6.21 14.76 6.28
C THR A 267 -7.26 13.65 6.05
N THR A 268 -8.46 14.08 5.64
CA THR A 268 -9.51 13.22 5.29
C THR A 268 -9.83 13.48 3.84
N ASP A 269 -9.82 12.42 3.03
CA ASP A 269 -10.11 12.50 1.58
C ASP A 269 -11.41 11.79 1.21
N LYS A 270 -12.04 12.27 0.13
CA LYS A 270 -13.11 11.57 -0.52
C LYS A 270 -12.50 10.59 -1.53
N PRO A 271 -13.12 9.49 -1.73
CA PRO A 271 -12.55 8.55 -2.77
C PRO A 271 -12.63 9.12 -4.17
N ILE A 272 -11.79 8.54 -5.05
CA ILE A 272 -12.09 8.61 -6.48
C ILE A 272 -12.99 7.48 -6.86
N TRP A 273 -14.03 7.73 -7.64
CA TRP A 273 -15.02 6.71 -7.98
C TRP A 273 -14.99 6.38 -9.48
N GLY A 274 -15.24 5.12 -9.82
CA GLY A 274 -15.44 4.76 -11.13
C GLY A 274 -16.47 3.65 -11.22
N GLU A 275 -16.78 3.24 -12.42
CA GLU A 275 -17.82 2.14 -12.64
C GLU A 275 -17.13 1.07 -13.47
N TYR A 276 -17.40 -0.18 -13.13
CA TYR A 276 -16.88 -1.34 -13.85
C TYR A 276 -17.77 -2.51 -13.74
N HIS A 277 -18.22 -3.06 -14.90
CA HIS A 277 -19.03 -4.34 -14.88
C HIS A 277 -20.33 -4.23 -14.08
N GLY A 278 -20.93 -3.04 -13.98
CA GLY A 278 -22.09 -2.78 -13.22
C GLY A 278 -21.91 -2.44 -11.76
N TYR A 279 -20.66 -2.33 -11.32
CA TYR A 279 -20.30 -2.07 -9.95
C TYR A 279 -19.69 -0.68 -9.83
N ASP A 280 -19.84 -0.02 -8.69
CA ASP A 280 -19.20 1.27 -8.45
C ASP A 280 -17.98 1.03 -7.60
N ILE A 281 -16.87 1.57 -8.00
CA ILE A 281 -15.60 1.30 -7.29
C ILE A 281 -15.16 2.59 -6.69
N ALA A 282 -14.89 2.55 -5.36
CA ALA A 282 -14.28 3.64 -4.60
C ALA A 282 -12.84 3.28 -4.33
N SER A 283 -11.94 4.19 -4.74
CA SER A 283 -10.49 3.91 -4.51
C SER A 283 -9.78 5.19 -4.12
N MET A 284 -8.44 5.12 -4.08
CA MET A 284 -7.67 6.13 -3.38
C MET A 284 -7.26 7.23 -4.39
N PRO A 285 -7.60 8.50 -4.19
CA PRO A 285 -7.21 9.57 -5.07
C PRO A 285 -5.76 9.98 -4.88
N PRO A 286 -5.25 10.96 -5.68
CA PRO A 286 -4.01 11.65 -5.37
C PRO A 286 -4.07 12.18 -3.89
N PRO A 287 -3.01 11.99 -3.10
CA PRO A 287 -1.61 11.78 -3.49
C PRO A 287 -1.22 10.29 -3.78
N SER A 288 -2.20 9.44 -3.90
CA SER A 288 -1.88 8.13 -4.60
C SER A 288 -2.20 8.21 -6.06
N SER A 289 -1.35 7.49 -6.81
CA SER A 289 -1.66 7.13 -8.18
C SER A 289 -2.56 5.93 -8.35
N GLY A 290 -2.77 5.22 -7.24
CA GLY A 290 -3.37 3.92 -7.33
C GLY A 290 -4.79 3.91 -7.83
N GLY A 291 -5.65 4.71 -7.20
CA GLY A 291 -7.03 4.74 -7.64
C GLY A 291 -7.26 5.09 -9.07
N VAL A 292 -6.70 6.19 -9.50
CA VAL A 292 -6.95 6.63 -10.84
C VAL A 292 -6.36 5.66 -11.87
N PHE A 293 -5.19 5.08 -11.62
CA PHE A 293 -4.60 4.23 -12.62
C PHE A 293 -5.15 2.84 -12.61
N MET A 294 -5.56 2.35 -11.42
CA MET A 294 -6.34 1.13 -11.41
C MET A 294 -7.62 1.29 -12.23
N LEU A 295 -8.33 2.40 -12.00
CA LEU A 295 -9.54 2.67 -12.78
C LEU A 295 -9.26 2.79 -14.25
N GLN A 296 -8.13 3.43 -14.59
CA GLN A 296 -7.83 3.62 -15.98
C GLN A 296 -7.52 2.30 -16.67
N VAL A 297 -6.73 1.45 -16.01
CA VAL A 297 -6.49 0.10 -16.58
C VAL A 297 -7.79 -0.61 -16.81
N LEU A 298 -8.68 -0.61 -15.85
CA LEU A 298 -9.93 -1.34 -16.04
C LEU A 298 -10.73 -0.77 -17.20
N LYS A 299 -10.72 0.57 -17.34
CA LYS A 299 -11.48 1.18 -18.44
C LYS A 299 -10.81 0.85 -19.74
N LEU A 300 -9.48 0.81 -19.83
CA LEU A 300 -8.78 0.51 -21.08
C LEU A 300 -9.04 -0.93 -21.49
N ILE A 301 -9.06 -1.87 -20.54
CA ILE A 301 -9.16 -3.27 -20.94
C ILE A 301 -10.58 -3.68 -21.09
N ASP A 302 -11.55 -2.94 -20.57
CA ASP A 302 -12.95 -3.44 -20.50
C ASP A 302 -13.50 -3.81 -21.88
N ASP A 303 -13.20 -2.97 -22.85
CA ASP A 303 -13.73 -3.16 -24.22
C ASP A 303 -13.14 -4.32 -24.98
N PHE A 304 -12.09 -4.93 -24.45
CA PHE A 304 -11.48 -6.10 -25.06
C PHE A 304 -12.16 -7.36 -24.56
N HIS A 305 -13.05 -7.30 -23.58
CA HIS A 305 -13.88 -8.49 -23.15
C HIS A 305 -12.99 -9.68 -22.88
N LEU A 306 -12.06 -9.51 -21.95
CA LEU A 306 -10.99 -10.42 -21.81
C LEU A 306 -11.40 -11.85 -21.39
N SER A 307 -12.59 -12.03 -20.81
CA SER A 307 -13.06 -13.40 -20.53
C SER A 307 -13.22 -14.28 -21.72
N GLN A 308 -13.16 -13.72 -22.93
CA GLN A 308 -13.17 -14.55 -24.10
C GLN A 308 -11.83 -15.29 -24.24
N TYR A 309 -10.77 -14.88 -23.54
CA TYR A 309 -9.47 -15.51 -23.59
C TYR A 309 -9.16 -16.23 -22.30
N ASP A 310 -8.50 -17.39 -22.34
CA ASP A 310 -8.21 -18.11 -21.15
C ASP A 310 -7.36 -17.18 -20.22
N PRO A 311 -7.50 -17.30 -18.91
CA PRO A 311 -6.67 -16.53 -17.99
C PRO A 311 -5.17 -16.65 -18.17
N LYS A 312 -4.68 -17.75 -18.73
CA LYS A 312 -3.26 -17.94 -18.95
C LYS A 312 -2.89 -17.90 -20.43
N SER A 313 -3.70 -17.22 -21.21
CA SER A 313 -3.44 -17.11 -22.65
C SER A 313 -2.45 -16.01 -22.94
N PHE A 314 -1.76 -16.16 -24.04
CA PHE A 314 -0.94 -15.09 -24.68
C PHE A 314 -1.81 -13.84 -24.83
N GLU A 315 -3.04 -13.94 -25.28
CA GLU A 315 -3.85 -12.78 -25.61
CA GLU A 315 -3.91 -12.78 -25.61
C GLU A 315 -4.12 -12.00 -24.32
N LYS A 316 -4.47 -12.66 -23.21
CA LYS A 316 -4.75 -11.83 -21.97
C LYS A 316 -3.48 -11.17 -21.53
N TYR A 317 -2.39 -11.89 -21.43
CA TYR A 317 -1.18 -11.30 -20.92
C TYR A 317 -0.67 -10.17 -21.80
N HIS A 318 -0.71 -10.36 -23.12
CA HIS A 318 -0.26 -9.28 -24.02
C HIS A 318 -1.09 -8.04 -23.79
N LEU A 319 -2.41 -8.14 -23.86
CA LEU A 319 -3.26 -6.95 -23.74
C LEU A 319 -3.07 -6.29 -22.40
N LEU A 320 -2.85 -7.04 -21.32
CA LEU A 320 -2.54 -6.43 -20.03
C LEU A 320 -1.23 -5.68 -20.03
N ALA A 321 -0.20 -6.27 -20.61
CA ALA A 321 1.10 -5.65 -20.70
C ALA A 321 1.04 -4.40 -21.51
N GLU A 322 0.36 -4.39 -22.65
CA GLU A 322 0.26 -3.18 -23.49
C GLU A 322 -0.48 -2.11 -22.75
N THR A 323 -1.53 -2.45 -22.02
CA THR A 323 -2.31 -1.48 -21.26
C THR A 323 -1.46 -0.87 -20.13
N MET A 324 -0.79 -1.73 -19.37
CA MET A 324 0.04 -1.22 -18.30
C MET A 324 1.10 -0.28 -18.78
N HIS A 325 1.68 -0.50 -19.94
CA HIS A 325 2.71 0.40 -20.36
C HIS A 325 2.15 1.80 -20.55
N LEU A 326 0.96 1.92 -21.10
CA LEU A 326 0.31 3.19 -21.28
C LEU A 326 -0.03 3.88 -19.96
N SER A 327 -0.62 3.15 -19.03
CA SER A 327 -1.07 3.75 -17.79
C SER A 327 0.09 4.19 -16.91
N TYR A 328 1.13 3.33 -16.83
CA TYR A 328 2.34 3.70 -16.06
C TYR A 328 3.05 4.91 -16.64
N ALA A 329 2.99 5.07 -17.94
CA ALA A 329 3.62 6.26 -18.59
C ALA A 329 2.81 7.53 -18.21
N ASP A 330 1.48 7.46 -18.18
CA ASP A 330 0.66 8.60 -17.77
C ASP A 330 0.95 8.89 -16.28
N ARG A 331 1.09 7.86 -15.45
CA ARG A 331 1.41 8.05 -14.04
C ARG A 331 2.70 8.79 -13.87
N ALA A 332 3.74 8.39 -14.59
CA ALA A 332 5.05 9.06 -14.47
C ALA A 332 4.97 10.50 -14.81
N ALA A 333 4.14 10.85 -15.80
CA ALA A 333 4.04 12.23 -16.23
C ALA A 333 3.20 13.11 -15.35
N TYR A 334 2.10 12.57 -14.83
CA TYR A 334 1.00 13.43 -14.37
C TYR A 334 0.59 13.26 -12.95
N ALA A 335 1.20 12.40 -12.21
CA ALA A 335 0.75 12.13 -10.85
C ALA A 335 1.67 12.69 -9.75
N GLY A 336 1.08 13.41 -8.75
CA GLY A 336 1.81 13.89 -7.61
C GLY A 336 0.82 14.40 -6.62
N ASP A 337 1.32 15.00 -5.55
CA ASP A 337 0.47 15.45 -4.43
C ASP A 337 -0.38 16.61 -4.89
N PRO A 338 -1.74 16.46 -4.87
CA PRO A 338 -2.64 17.46 -5.44
C PRO A 338 -2.70 18.75 -4.60
N GLU A 339 -2.13 18.75 -3.42
CA GLU A 339 -2.00 20.00 -2.70
C GLU A 339 -1.09 20.90 -3.47
N PHE A 340 -0.14 20.39 -4.26
CA PHE A 340 0.90 21.11 -4.96
C PHE A 340 0.70 21.17 -6.45
N VAL A 341 0.32 20.05 -7.07
CA VAL A 341 0.25 19.88 -8.51
C VAL A 341 -1.13 19.49 -8.98
N ASP A 342 -1.47 19.91 -10.16
CA ASP A 342 -2.77 19.66 -10.70
C ASP A 342 -2.69 18.32 -11.51
N VAL A 343 -3.45 17.33 -11.04
CA VAL A 343 -3.55 16.00 -11.65
C VAL A 343 -4.82 16.01 -12.53
N PRO A 344 -4.70 15.59 -13.79
CA PRO A 344 -5.87 15.63 -14.72
C PRO A 344 -6.73 14.44 -14.60
N LEU A 345 -7.43 14.31 -13.47
CA LEU A 345 -8.23 13.14 -13.17
C LEU A 345 -9.36 12.97 -14.15
N ARG A 346 -10.04 14.06 -14.54
CA ARG A 346 -11.15 13.89 -15.49
C ARG A 346 -10.61 13.43 -16.86
N GLY A 347 -9.53 14.07 -17.36
CA GLY A 347 -8.97 13.72 -18.67
C GLY A 347 -8.46 12.31 -18.72
N LEU A 348 -7.84 11.86 -17.65
CA LEU A 348 -7.24 10.53 -17.60
C LEU A 348 -8.26 9.41 -17.75
N LEU A 349 -9.54 9.67 -17.38
CA LEU A 349 -10.57 8.70 -17.42
C LEU A 349 -11.69 9.06 -18.45
N ASP A 350 -11.51 10.12 -19.21
CA ASP A 350 -12.54 10.53 -20.18
C ASP A 350 -12.68 9.43 -21.20
N PRO A 351 -13.90 9.05 -21.56
CA PRO A 351 -14.02 7.96 -22.57
C PRO A 351 -13.33 8.24 -23.91
N ASP A 352 -13.26 9.48 -24.36
CA ASP A 352 -12.54 9.81 -25.57
C ASP A 352 -11.08 9.54 -25.41
N TYR A 353 -10.52 9.91 -24.25
CA TYR A 353 -9.10 9.69 -23.97
C TYR A 353 -8.81 8.17 -23.87
N ILE A 354 -9.69 7.43 -23.29
CA ILE A 354 -9.56 5.99 -23.25
C ILE A 354 -9.51 5.42 -24.65
N LYS A 355 -10.37 5.89 -25.55
CA LYS A 355 -10.28 5.40 -26.95
C LYS A 355 -9.02 5.83 -27.62
N GLU A 356 -8.47 7.01 -27.39
CA GLU A 356 -7.18 7.40 -27.92
C GLU A 356 -6.08 6.40 -27.55
N ARG A 357 -6.06 6.05 -26.26
CA ARG A 357 -5.05 5.15 -25.77
C ARG A 357 -5.27 3.76 -26.31
N GLN A 358 -6.52 3.34 -26.45
CA GLN A 358 -6.83 2.00 -26.96
C GLN A 358 -6.37 1.84 -28.40
N LYS A 359 -6.15 2.88 -29.17
CA LYS A 359 -5.58 2.72 -30.54
C LYS A 359 -4.25 2.04 -30.47
N LEU A 360 -3.53 2.18 -29.37
CA LEU A 360 -2.22 1.61 -29.16
C LEU A 360 -2.21 0.24 -28.52
N ILE A 361 -3.36 -0.34 -28.24
CA ILE A 361 -3.48 -1.64 -27.52
C ILE A 361 -4.16 -2.56 -28.55
N SER A 362 -3.40 -3.56 -29.01
CA SER A 362 -3.88 -4.53 -29.99
CA SER A 362 -4.00 -4.59 -29.87
C SER A 362 -3.14 -5.85 -29.91
N LEU A 363 -3.83 -6.91 -30.34
CA LEU A 363 -3.16 -8.22 -30.54
C LEU A 363 -2.36 -8.24 -31.82
N ASP A 364 -2.47 -7.20 -32.66
CA ASP A 364 -1.79 -7.27 -33.98
C ASP A 364 -0.34 -7.05 -33.86
N SER A 365 0.17 -6.35 -32.86
CA SER A 365 1.52 -5.92 -32.80
C SER A 365 1.94 -5.53 -31.41
N MET A 366 3.20 -5.47 -31.14
CA MET A 366 3.80 -4.93 -29.95
C MET A 366 3.93 -3.43 -30.09
N ASN A 367 3.34 -2.66 -29.13
CA ASN A 367 3.43 -1.22 -29.20
C ASN A 367 4.72 -0.79 -28.51
N ARG A 368 5.55 0.00 -29.24
CA ARG A 368 6.73 0.59 -28.72
C ARG A 368 6.52 2.15 -28.59
N ASP A 369 5.37 2.68 -28.92
CA ASP A 369 5.04 4.12 -28.71
C ASP A 369 4.38 4.21 -27.33
N VAL A 370 5.20 4.27 -26.30
CA VAL A 370 4.74 4.17 -24.94
C VAL A 370 4.88 5.47 -24.11
N LYS A 371 4.88 6.57 -24.77
CA LYS A 371 4.89 7.86 -24.06
C LYS A 371 3.54 8.06 -23.41
N GLU A 372 3.53 8.98 -22.43
CA GLU A 372 2.25 9.48 -21.94
C GLU A 372 1.39 10.02 -23.06
N GLY A 373 0.09 9.91 -22.87
CA GLY A 373 -0.88 10.61 -23.74
C GLY A 373 -1.08 12.05 -23.27
N ASP A 374 -2.03 12.71 -23.90
CA ASP A 374 -2.39 14.10 -23.54
C ASP A 374 -3.80 14.15 -22.96
N PRO A 375 -3.96 13.81 -21.68
CA PRO A 375 -5.23 13.94 -21.05
C PRO A 375 -5.75 15.40 -20.85
N TRP A 376 -4.87 16.36 -20.96
CA TRP A 376 -5.26 17.78 -20.77
C TRP A 376 -6.12 18.28 -21.91
N LYS A 377 -6.16 17.52 -23.03
CA LYS A 377 -7.11 17.86 -24.11
C LYS A 377 -8.53 17.78 -23.58
N TYR A 378 -8.80 16.97 -22.56
CA TYR A 378 -10.11 16.65 -22.01
C TYR A 378 -10.24 17.26 -20.57
N GLU A 379 -9.45 18.32 -20.33
CA GLU A 379 -9.50 19.20 -19.14
C GLU A 379 -9.62 20.66 -19.45
N GLU A 380 -10.18 21.37 -18.52
CA GLU A 380 -10.19 22.85 -18.62
C GLU A 380 -8.82 23.54 -18.56
N GLY A 381 -7.91 23.09 -17.69
CA GLY A 381 -6.61 23.75 -17.53
C GLY A 381 -5.41 23.09 -18.15
N GLU A 382 -4.22 23.31 -17.55
CA GLU A 382 -2.91 22.76 -18.00
C GLU A 382 -2.07 22.36 -16.81
N PRO A 383 -1.04 21.54 -17.03
CA PRO A 383 -0.25 21.15 -15.86
C PRO A 383 0.56 22.33 -15.34
N ASN A 384 0.85 22.31 -14.04
CA ASN A 384 1.69 23.32 -13.42
C ASN A 384 3.03 22.71 -13.01
N TYR A 385 3.61 21.98 -13.95
CA TYR A 385 4.86 21.34 -13.82
C TYR A 385 5.37 20.88 -15.19
N GLU A 386 6.60 20.44 -15.22
CA GLU A 386 7.24 19.89 -16.40
C GLU A 386 7.09 18.37 -16.38
N ILE A 387 7.36 17.76 -17.52
CA ILE A 387 7.42 16.32 -17.67
C ILE A 387 8.91 15.97 -17.72
N VAL A 388 9.40 15.24 -16.73
CA VAL A 388 10.85 15.11 -16.45
C VAL A 388 11.19 13.61 -16.47
N PRO A 389 11.92 13.07 -17.44
CA PRO A 389 12.32 11.66 -17.42
C PRO A 389 13.11 11.31 -16.15
N GLN A 390 12.87 10.11 -15.63
CA GLN A 390 13.51 9.65 -14.45
C GLN A 390 14.22 8.34 -14.85
N PRO A 391 15.44 8.12 -14.40
CA PRO A 391 16.15 6.84 -14.65
C PRO A 391 15.41 5.69 -14.00
N GLU A 392 15.50 4.54 -14.65
CA GLU A 392 14.93 3.30 -14.12
C GLU A 392 15.96 2.56 -13.27
N THR B 1 5.11 -2.93 3.00
CA THR B 1 3.71 -2.46 3.01
C THR B 1 2.87 -3.65 3.42
N THR B 2 1.65 -3.34 3.92
CA THR B 2 0.69 -4.37 4.27
C THR B 2 -0.73 -3.83 4.01
N HIS B 3 -1.64 -4.72 3.64
CA HIS B 3 -3.05 -4.34 3.42
C HIS B 3 -3.90 -5.26 4.27
N PHE B 4 -4.88 -4.66 4.97
CA PHE B 4 -5.83 -5.46 5.75
C PHE B 4 -7.20 -4.82 5.64
N THR B 5 -8.18 -5.64 6.05
CA THR B 5 -9.57 -5.23 5.89
C THR B 5 -10.43 -5.90 6.96
N VAL B 6 -11.48 -5.13 7.31
CA VAL B 6 -12.41 -5.50 8.44
C VAL B 6 -13.85 -5.13 8.04
N THR B 7 -14.79 -6.04 8.41
CA THR B 7 -16.22 -5.67 8.32
C THR B 7 -16.86 -6.08 9.68
N ASP B 8 -17.85 -5.25 10.07
CA ASP B 8 -18.56 -5.52 11.30
C ASP B 8 -20.04 -5.70 11.09
N GLN B 9 -20.70 -5.89 12.23
CA GLN B 9 -22.14 -6.23 12.29
C GLN B 9 -23.01 -5.01 12.03
N TRP B 10 -22.49 -3.80 11.95
CA TRP B 10 -23.17 -2.58 11.72
C TRP B 10 -23.02 -2.03 10.29
N GLY B 11 -22.39 -2.85 9.41
CA GLY B 11 -22.19 -2.35 8.04
C GLY B 11 -20.95 -1.51 7.79
N ASN B 12 -20.14 -1.19 8.81
CA ASN B 12 -18.87 -0.49 8.54
C ASN B 12 -17.91 -1.45 7.92
N VAL B 13 -17.18 -0.82 6.98
CA VAL B 13 -16.23 -1.59 6.14
C VAL B 13 -14.92 -0.76 6.03
N VAL B 14 -13.81 -1.45 6.39
CA VAL B 14 -12.49 -0.84 6.40
C VAL B 14 -11.61 -1.56 5.37
N SER B 15 -10.87 -0.77 4.61
CA SER B 15 -9.86 -1.26 3.67
C SER B 15 -8.63 -0.35 3.79
N TYR B 16 -7.55 -0.91 4.37
CA TYR B 16 -6.45 -0.07 4.92
C TYR B 16 -5.13 -0.60 4.40
N THR B 17 -4.44 0.24 3.61
CA THR B 17 -3.05 -0.05 3.23
C THR B 17 -2.10 0.86 3.99
N THR B 18 -1.02 0.28 4.48
CA THR B 18 -0.20 1.00 5.43
C THR B 18 1.27 0.53 5.26
N THR B 19 2.24 1.44 5.48
CA THR B 19 3.61 1.16 5.04
C THR B 19 4.68 1.97 5.78
N ILE B 20 5.92 1.48 5.67
CA ILE B 20 7.12 2.29 5.99
C ILE B 20 8.02 2.37 4.84
N GLU B 21 7.50 2.10 3.62
CA GLU B 21 8.23 2.16 2.35
C GLU B 21 8.87 0.78 2.13
N GLN B 22 10.19 0.77 2.06
CA GLN B 22 10.89 -0.51 1.96
C GLN B 22 10.62 -1.39 3.18
N LEU B 23 10.91 -2.67 3.11
CA LEU B 23 10.94 -3.51 4.32
C LEU B 23 11.90 -2.90 5.32
N PHE B 24 11.43 -2.66 6.54
CA PHE B 24 12.11 -1.98 7.62
C PHE B 24 12.38 -0.50 7.31
N GLY B 25 11.79 0.07 6.26
CA GLY B 25 11.99 1.44 5.91
C GLY B 25 13.48 1.70 5.65
N THR B 26 13.96 2.79 6.23
CA THR B 26 15.38 3.08 6.21
C THR B 26 16.22 2.01 6.91
N GLY B 27 15.60 1.24 7.76
CA GLY B 27 16.35 0.38 8.74
C GLY B 27 16.66 1.06 10.03
N ILE B 28 16.44 2.38 10.09
CA ILE B 28 16.77 3.10 11.32
C ILE B 28 15.72 2.74 12.33
N LEU B 29 16.16 2.30 13.50
CA LEU B 29 15.26 2.10 14.65
C LEU B 29 15.45 3.27 15.63
N VAL B 30 14.42 3.92 16.10
CA VAL B 30 14.53 5.08 16.96
C VAL B 30 15.21 4.66 18.27
N PRO B 31 16.41 5.21 18.53
CA PRO B 31 17.04 4.77 19.76
C PRO B 31 16.24 4.96 21.03
N GLY B 32 16.10 3.90 21.85
CA GLY B 32 15.33 3.98 23.01
C GLY B 32 13.82 3.74 22.87
N TYR B 33 13.33 3.66 21.61
CA TYR B 33 11.88 3.66 21.35
C TYR B 33 11.40 2.55 20.41
N GLY B 34 12.32 1.79 19.80
CA GLY B 34 11.91 0.57 19.23
C GLY B 34 11.17 0.51 17.89
N LEU B 35 10.96 1.66 17.25
CA LEU B 35 10.13 1.74 16.07
C LEU B 35 11.03 2.04 14.87
N PHE B 36 10.67 1.42 13.74
CA PHE B 36 11.40 1.63 12.48
C PHE B 36 10.91 2.93 11.81
N LEU B 37 11.80 3.72 11.22
CA LEU B 37 11.45 4.90 10.47
C LEU B 37 11.39 4.68 8.97
N ASN B 38 10.27 5.12 8.38
CA ASN B 38 10.05 5.01 6.95
C ASN B 38 11.16 5.62 6.13
N ASN B 39 11.28 5.17 4.88
CA ASN B 39 12.03 5.86 3.83
C ASN B 39 11.12 6.47 2.77
N GLU B 40 9.93 6.87 3.19
CA GLU B 40 8.89 7.21 2.24
C GLU B 40 9.27 8.24 1.20
N LEU B 41 10.17 9.16 1.57
CA LEU B 41 10.43 10.26 0.70
C LEU B 41 11.17 9.84 -0.59
N THR B 42 11.81 8.65 -0.61
CA THR B 42 12.33 8.15 -1.87
C THR B 42 11.25 7.79 -2.87
N ASP B 43 9.99 7.81 -2.48
CA ASP B 43 8.91 7.76 -3.49
C ASP B 43 8.75 9.03 -4.34
N PHE B 44 9.37 10.14 -3.94
CA PHE B 44 9.50 11.30 -4.80
C PHE B 44 10.45 11.02 -5.94
N ASP B 45 10.22 11.68 -7.06
CA ASP B 45 11.22 11.70 -8.15
C ASP B 45 12.55 12.27 -7.64
N ALA B 46 13.68 11.68 -8.05
CA ALA B 46 14.99 12.20 -7.68
C ALA B 46 15.39 13.42 -8.49
N ILE B 47 14.94 13.49 -9.75
CA ILE B 47 15.23 14.70 -10.62
C ILE B 47 14.04 15.58 -10.55
N PRO B 48 14.22 16.80 -10.02
CA PRO B 48 13.09 17.69 -9.78
C PRO B 48 12.52 18.33 -11.00
N GLY B 49 11.40 19.03 -10.82
CA GLY B 49 10.69 19.70 -11.90
C GLY B 49 9.32 19.22 -12.33
N GLY B 50 9.05 17.99 -11.96
CA GLY B 50 7.83 17.26 -12.31
C GLY B 50 6.79 17.27 -11.23
N ALA B 51 5.67 16.61 -11.56
CA ALA B 51 4.56 16.52 -10.62
C ALA B 51 4.99 15.97 -9.28
N ASN B 52 5.85 14.97 -9.31
CA ASN B 52 6.25 14.28 -8.04
C ASN B 52 7.68 14.65 -7.61
N GLU B 53 8.06 15.89 -7.87
CA GLU B 53 9.35 16.37 -7.29
C GLU B 53 9.24 16.51 -5.79
N VAL B 54 10.35 16.44 -5.13
CA VAL B 54 10.48 16.82 -3.70
C VAL B 54 10.14 18.26 -3.46
N GLN B 55 9.31 18.56 -2.47
CA GLN B 55 9.20 19.90 -1.91
C GLN B 55 9.05 19.79 -0.42
N PRO B 56 9.45 20.82 0.35
CA PRO B 56 9.13 20.80 1.76
C PRO B 56 7.62 20.70 1.99
N ASN B 57 7.27 19.86 3.00
CA ASN B 57 5.91 19.58 3.44
C ASN B 57 5.02 18.83 2.44
N LYS B 58 5.59 18.39 1.33
CA LYS B 58 4.84 17.67 0.33
C LYS B 58 4.79 16.19 0.66
N ARG B 59 3.77 15.53 0.16
CA ARG B 59 3.65 14.08 0.33
C ARG B 59 4.14 13.37 -0.94
N PRO B 60 5.04 12.39 -0.82
CA PRO B 60 5.53 11.66 -1.99
C PRO B 60 4.40 10.83 -2.61
N LEU B 61 4.41 10.77 -3.94
CA LEU B 61 3.42 9.99 -4.67
C LEU B 61 3.42 8.54 -4.19
N SER B 62 2.25 7.99 -3.92
CA SER B 62 2.05 6.59 -3.60
C SER B 62 1.44 5.82 -4.74
N SER B 63 1.46 4.48 -4.63
CA SER B 63 0.67 3.64 -5.48
C SER B 63 -0.31 2.83 -4.67
N MET B 64 -0.41 3.06 -3.36
CA MET B 64 -1.37 2.31 -2.54
C MET B 64 -2.80 2.49 -2.99
N THR B 65 -3.58 1.42 -3.02
CA THR B 65 -4.87 1.40 -3.71
C THR B 65 -5.91 0.67 -2.82
N PRO B 66 -6.09 1.16 -1.59
CA PRO B 66 -7.22 0.56 -0.83
C PRO B 66 -8.51 0.88 -1.55
N THR B 67 -9.36 -0.16 -1.70
CA THR B 67 -10.52 -0.08 -2.56
C THR B 67 -11.71 -0.73 -1.87
N ILE B 68 -12.91 -0.21 -2.17
CA ILE B 68 -14.20 -0.88 -1.81
C ILE B 68 -15.06 -0.84 -3.09
N VAL B 69 -15.54 -1.99 -3.48
CA VAL B 69 -16.44 -2.16 -4.64
C VAL B 69 -17.84 -2.23 -4.07
N PHE B 70 -18.75 -1.54 -4.72
CA PHE B 70 -20.17 -1.42 -4.30
C PHE B 70 -21.11 -1.90 -5.42
N LYS B 71 -22.29 -2.36 -5.01
CA LYS B 71 -23.38 -2.72 -5.94
C LYS B 71 -24.62 -2.10 -5.29
N ASP B 72 -25.30 -1.29 -6.10
CA ASP B 72 -26.55 -0.62 -5.63
C ASP B 72 -26.33 0.08 -4.31
N GLU B 73 -25.24 0.82 -4.23
CA GLU B 73 -24.93 1.78 -3.15
C GLU B 73 -24.30 1.13 -1.93
N LYS B 74 -24.21 -0.19 -1.89
CA LYS B 74 -23.71 -0.92 -0.72
C LYS B 74 -22.41 -1.67 -1.04
N PRO B 75 -21.51 -1.72 -0.04
CA PRO B 75 -20.29 -2.42 -0.26
C PRO B 75 -20.51 -3.91 -0.51
N VAL B 76 -19.75 -4.47 -1.48
CA VAL B 76 -19.73 -5.85 -1.75
C VAL B 76 -18.35 -6.53 -1.67
N LEU B 77 -17.26 -5.77 -1.92
CA LEU B 77 -15.91 -6.38 -1.98
C LEU B 77 -14.85 -5.36 -1.63
N THR B 78 -13.97 -5.70 -0.69
CA THR B 78 -12.76 -4.87 -0.41
C THR B 78 -11.57 -5.46 -1.08
N VAL B 79 -10.68 -4.59 -1.60
CA VAL B 79 -9.47 -5.08 -2.24
C VAL B 79 -8.34 -4.14 -1.88
N GLY B 80 -7.13 -4.67 -1.74
CA GLY B 80 -5.96 -3.85 -1.62
C GLY B 80 -4.73 -4.75 -1.55
N SER B 81 -3.51 -4.17 -1.61
CA SER B 81 -2.29 -4.99 -1.64
C SER B 81 -1.10 -4.07 -1.30
N PRO B 82 -0.02 -4.68 -0.77
CA PRO B 82 1.30 -4.05 -0.84
C PRO B 82 1.92 -4.23 -2.20
N GLY B 83 3.09 -3.57 -2.39
CA GLY B 83 3.95 -3.83 -3.59
C GLY B 83 4.44 -2.62 -4.31
N GLY B 84 4.29 -1.44 -3.74
CA GLY B 84 4.72 -0.25 -4.52
C GLY B 84 4.01 -0.13 -5.84
N THR B 85 4.75 0.24 -6.87
CA THR B 85 4.13 0.47 -8.14
C THR B 85 3.31 -0.75 -8.70
N THR B 86 3.67 -1.95 -8.18
CA THR B 86 2.90 -3.14 -8.62
C THR B 86 1.50 -3.21 -8.05
N ILE B 87 1.16 -2.42 -7.04
CA ILE B 87 -0.16 -2.48 -6.41
C ILE B 87 -1.26 -2.30 -7.43
N ILE B 88 -1.12 -1.39 -8.31
CA ILE B 88 -2.11 -1.16 -9.35
C ILE B 88 -2.39 -2.44 -10.09
N ALA B 89 -1.34 -3.18 -10.42
CA ALA B 89 -1.47 -4.46 -11.10
C ALA B 89 -2.19 -5.49 -10.21
N SER B 90 -1.79 -5.65 -8.97
CA SER B 90 -2.49 -6.64 -8.10
C SER B 90 -3.92 -6.35 -7.95
N VAL B 91 -4.30 -5.11 -7.71
CA VAL B 91 -5.69 -4.79 -7.44
C VAL B 91 -6.50 -4.95 -8.71
N PHE B 92 -6.06 -4.37 -9.83
CA PHE B 92 -6.85 -4.47 -11.04
C PHE B 92 -6.98 -5.94 -11.48
N GLN B 93 -5.94 -6.73 -11.36
CA GLN B 93 -6.04 -8.12 -11.80
C GLN B 93 -7.00 -8.87 -10.88
N THR B 94 -7.03 -8.61 -9.58
CA THR B 94 -7.99 -9.26 -8.69
C THR B 94 -9.39 -8.91 -9.16
N ILE B 95 -9.68 -7.66 -9.41
CA ILE B 95 -11.03 -7.20 -9.79
C ILE B 95 -11.38 -7.82 -11.15
N LEU B 96 -10.47 -7.78 -12.10
CA LEU B 96 -10.75 -8.40 -13.43
C LEU B 96 -11.10 -9.86 -13.19
N ASN B 97 -10.30 -10.59 -12.42
CA ASN B 97 -10.53 -12.04 -12.31
C ASN B 97 -11.86 -12.29 -11.65
N TYR B 98 -12.25 -11.54 -10.63
CA TYR B 98 -13.47 -11.87 -9.94
C TYR B 98 -14.66 -11.51 -10.83
N PHE B 99 -14.67 -10.31 -11.40
CA PHE B 99 -15.86 -9.82 -12.06
C PHE B 99 -15.94 -10.15 -13.51
N GLU B 100 -14.85 -10.01 -14.24
CA GLU B 100 -14.88 -10.31 -15.71
C GLU B 100 -14.73 -11.81 -15.89
N TYR B 101 -13.84 -12.51 -15.23
CA TYR B 101 -13.72 -13.97 -15.38
C TYR B 101 -14.69 -14.72 -14.50
N GLY B 102 -15.31 -14.08 -13.51
CA GLY B 102 -16.27 -14.82 -12.65
C GLY B 102 -15.61 -15.82 -11.74
N MET B 103 -14.34 -15.66 -11.42
CA MET B 103 -13.68 -16.55 -10.50
C MET B 103 -14.19 -16.40 -9.06
N SER B 104 -14.05 -17.46 -8.26
CA SER B 104 -14.18 -17.30 -6.81
C SER B 104 -13.22 -16.23 -6.30
N LEU B 105 -13.48 -15.72 -5.13
CA LEU B 105 -12.60 -14.67 -4.60
C LEU B 105 -11.22 -15.24 -4.42
N GLN B 106 -11.09 -16.43 -3.82
CA GLN B 106 -9.78 -17.01 -3.64
C GLN B 106 -9.07 -17.28 -4.95
N ASP B 107 -9.74 -17.82 -5.95
CA ASP B 107 -9.10 -18.07 -7.25
C ASP B 107 -8.71 -16.75 -7.87
N ALA B 108 -9.52 -15.72 -7.72
CA ALA B 108 -9.16 -14.39 -8.31
C ALA B 108 -7.90 -13.86 -7.71
N ILE B 109 -7.71 -14.06 -6.44
CA ILE B 109 -6.50 -13.64 -5.69
C ILE B 109 -5.33 -14.49 -6.04
N GLU B 110 -5.53 -15.79 -6.16
CA GLU B 110 -4.36 -16.69 -6.39
C GLU B 110 -3.93 -16.83 -7.86
N GLU B 111 -4.75 -16.39 -8.81
CA GLU B 111 -4.35 -16.42 -10.22
C GLU B 111 -3.00 -15.72 -10.38
N PRO B 112 -2.02 -16.32 -11.04
CA PRO B 112 -0.73 -15.63 -11.30
C PRO B 112 -0.93 -14.27 -11.89
N ARG B 113 -0.19 -13.27 -11.33
CA ARG B 113 -0.21 -11.90 -11.77
C ARG B 113 1.02 -11.62 -12.64
N ILE B 114 0.82 -10.62 -13.46
CA ILE B 114 1.96 -10.00 -14.17
C ILE B 114 2.01 -8.53 -13.86
N TYR B 115 3.14 -7.87 -14.11
CA TYR B 115 3.32 -6.41 -13.94
C TYR B 115 4.35 -5.96 -14.96
N THR B 116 4.10 -4.82 -15.59
CA THR B 116 5.13 -4.23 -16.42
C THR B 116 4.86 -2.74 -16.53
N ASN B 117 5.81 -1.96 -16.08
CA ASN B 117 5.66 -0.48 -16.13
C ASN B 117 6.40 0.17 -17.30
N SER B 118 7.17 -0.61 -18.08
CA SER B 118 7.94 -0.07 -19.19
C SER B 118 8.34 -1.19 -20.09
N LEU B 119 8.94 -0.85 -21.25
CA LEU B 119 9.44 -1.83 -22.15
C LEU B 119 10.58 -2.62 -21.62
N THR B 120 11.23 -2.19 -20.55
CA THR B 120 12.44 -2.85 -19.93
C THR B 120 12.21 -3.28 -18.49
N SER B 121 10.96 -3.35 -18.02
CA SER B 121 10.71 -3.74 -16.66
C SER B 121 9.43 -4.59 -16.58
N TYR B 122 9.63 -5.89 -16.34
CA TYR B 122 8.59 -6.91 -16.31
C TYR B 122 8.75 -7.76 -15.08
N ARG B 123 7.65 -8.24 -14.52
CA ARG B 123 7.60 -9.25 -13.47
C ARG B 123 6.48 -10.20 -13.73
N TYR B 124 6.60 -11.47 -13.35
CA TYR B 124 5.48 -12.43 -13.41
C TYR B 124 5.64 -13.37 -12.27
N GLU B 125 4.50 -13.99 -11.91
CA GLU B 125 4.43 -14.99 -10.86
C GLU B 125 4.48 -16.42 -11.44
N SER B 126 4.93 -17.31 -10.58
CA SER B 126 4.88 -18.71 -10.95
CA SER B 126 4.83 -18.75 -10.85
C SER B 126 3.45 -19.12 -11.30
N GLY B 127 3.31 -19.97 -12.31
CA GLY B 127 2.10 -20.39 -12.86
C GLY B 127 1.83 -19.77 -14.20
N MET B 128 2.51 -18.65 -14.56
CA MET B 128 2.45 -18.18 -15.94
C MET B 128 3.09 -19.29 -16.84
N PRO B 129 2.39 -19.76 -17.84
CA PRO B 129 3.00 -20.93 -18.56
C PRO B 129 4.32 -20.47 -19.26
N GLU B 130 5.26 -21.37 -19.25
CA GLU B 130 6.54 -21.08 -19.78
C GLU B 130 6.59 -20.82 -21.23
N ASP B 131 5.85 -21.60 -22.02
CA ASP B 131 5.77 -21.37 -23.43
C ASP B 131 5.16 -20.04 -23.82
N VAL B 132 4.09 -19.68 -23.11
CA VAL B 132 3.38 -18.51 -23.36
C VAL B 132 4.29 -17.30 -23.05
N ARG B 133 4.96 -17.38 -21.90
CA ARG B 133 5.96 -16.37 -21.56
C ARG B 133 6.98 -16.17 -22.68
N ARG B 134 7.57 -17.30 -23.15
CA ARG B 134 8.59 -17.15 -24.16
C ARG B 134 8.02 -16.56 -25.47
N LYS B 135 6.81 -16.95 -25.83
CA LYS B 135 6.11 -16.41 -27.03
C LYS B 135 5.84 -14.91 -26.87
N LEU B 136 5.49 -14.49 -25.68
CA LEU B 136 5.28 -13.04 -25.47
C LEU B 136 6.63 -12.34 -25.66
N ASN B 137 7.71 -12.92 -25.18
CA ASN B 137 9.05 -12.33 -25.38
C ASN B 137 9.40 -12.30 -26.85
N ASP B 138 9.10 -13.35 -27.59
CA ASP B 138 9.35 -13.39 -29.05
C ASP B 138 8.65 -12.19 -29.71
N PHE B 139 7.47 -11.81 -29.21
CA PHE B 139 6.64 -10.77 -29.71
C PHE B 139 7.20 -9.39 -29.31
N GLY B 140 8.07 -9.31 -28.32
CA GLY B 140 8.68 -8.05 -27.99
C GLY B 140 8.70 -7.76 -26.51
N HIS B 141 8.03 -8.57 -25.70
CA HIS B 141 8.06 -8.34 -24.27
C HIS B 141 9.44 -8.80 -23.69
N LYS B 142 9.66 -8.47 -22.44
CA LYS B 142 10.91 -8.70 -21.76
C LYS B 142 10.70 -9.31 -20.37
N PHE B 143 9.85 -10.35 -20.33
CA PHE B 143 9.76 -11.20 -19.13
C PHE B 143 11.08 -11.91 -18.86
N GLY B 144 11.48 -12.00 -17.61
CA GLY B 144 12.71 -12.76 -17.29
C GLY B 144 12.40 -14.23 -17.30
N SER B 145 13.33 -15.02 -16.80
CA SER B 145 13.07 -16.45 -16.78
C SER B 145 12.92 -16.91 -15.39
N ASN B 146 12.86 -15.98 -14.40
CA ASN B 146 12.49 -16.35 -13.06
C ASN B 146 11.25 -15.63 -12.55
N PRO B 147 10.39 -16.36 -11.88
CA PRO B 147 9.15 -15.76 -11.37
C PRO B 147 9.49 -14.97 -10.06
N VAL B 148 8.57 -14.09 -9.69
CA VAL B 148 8.59 -13.40 -8.39
CA VAL B 148 8.59 -13.38 -8.39
C VAL B 148 7.16 -13.27 -7.94
N ASP B 149 6.93 -13.32 -6.65
CA ASP B 149 5.64 -13.07 -6.13
C ASP B 149 5.33 -11.58 -6.28
N ILE B 150 4.06 -11.27 -6.59
CA ILE B 150 3.60 -9.91 -6.78
C ILE B 150 2.43 -9.66 -5.84
N GLY B 151 2.61 -8.75 -4.90
CA GLY B 151 1.56 -8.33 -4.03
C GLY B 151 1.11 -9.39 -3.03
N ASN B 152 0.04 -9.03 -2.35
CA ASN B 152 -0.46 -9.76 -1.16
C ASN B 152 -1.86 -9.24 -0.85
N VAL B 153 -2.89 -9.77 -1.57
CA VAL B 153 -4.24 -9.27 -1.48
C VAL B 153 -4.98 -9.93 -0.31
N GLN B 154 -5.46 -9.12 0.63
CA GLN B 154 -6.51 -9.50 1.57
C GLN B 154 -7.79 -8.84 1.12
N SER B 155 -8.91 -9.57 1.20
CA SER B 155 -10.23 -9.13 0.65
CA SER B 155 -10.19 -9.10 0.67
C SER B 155 -11.34 -9.68 1.50
N ILE B 156 -12.41 -8.90 1.62
CA ILE B 156 -13.66 -9.45 2.17
C ILE B 156 -14.74 -9.22 1.14
N PHE B 157 -15.51 -10.27 0.92
CA PHE B 157 -16.80 -10.24 0.15
C PHE B 157 -17.94 -10.15 1.13
N ILE B 158 -18.84 -9.28 0.87
CA ILE B 158 -20.02 -9.07 1.68
C ILE B 158 -21.18 -9.72 0.92
N ASP B 159 -21.61 -10.85 1.46
CA ASP B 159 -22.62 -11.74 0.84
C ASP B 159 -23.98 -11.35 1.33
N ARG B 160 -24.59 -10.40 0.65
CA ARG B 160 -25.89 -9.94 1.13
C ARG B 160 -27.03 -10.90 0.83
N GLU B 161 -26.87 -11.79 -0.12
CA GLU B 161 -27.90 -12.78 -0.33
C GLU B 161 -28.03 -13.65 0.94
N ASN B 162 -26.90 -14.12 1.47
CA ASN B 162 -26.88 -14.92 2.68
C ASN B 162 -26.58 -14.21 3.97
N LYS B 163 -26.45 -12.89 4.01
CA LYS B 163 -26.24 -12.22 5.31
C LYS B 163 -24.95 -12.74 6.02
N THR B 164 -23.85 -12.88 5.27
CA THR B 164 -22.58 -13.39 5.77
C THR B 164 -21.43 -12.61 5.07
N PHE B 165 -20.24 -12.83 5.61
CA PHE B 165 -19.02 -12.31 5.04
C PHE B 165 -18.17 -13.47 4.66
N MET B 166 -17.31 -13.30 3.64
CA MET B 166 -16.24 -14.26 3.24
C MET B 166 -14.91 -13.46 3.22
N GLY B 167 -13.93 -13.87 4.01
CA GLY B 167 -12.60 -13.27 3.96
C GLY B 167 -11.59 -14.20 3.31
N VAL B 168 -10.63 -13.61 2.59
CA VAL B 168 -9.51 -14.31 1.99
C VAL B 168 -8.23 -13.58 2.20
N ALA B 169 -7.19 -14.32 2.61
CA ALA B 169 -5.81 -13.86 2.62
C ALA B 169 -4.98 -14.56 1.57
N ASP B 170 -4.18 -13.80 0.87
CA ASP B 170 -3.29 -14.30 -0.19
C ASP B 170 -2.24 -15.27 0.36
N SER B 171 -1.96 -16.33 -0.39
CA SER B 171 -0.84 -17.22 -0.12
C SER B 171 0.52 -16.65 -0.10
N SER B 172 0.71 -15.45 -0.58
CA SER B 172 2.08 -14.92 -0.72
C SER B 172 2.69 -14.47 0.65
N ARG B 173 1.87 -14.39 1.72
CA ARG B 173 2.38 -14.27 3.09
C ARG B 173 1.54 -15.26 3.95
N ASN B 174 1.81 -15.29 5.25
CA ASN B 174 1.10 -16.21 6.13
C ASN B 174 -0.18 -15.60 6.70
N GLY B 175 -0.81 -14.70 5.91
CA GLY B 175 -2.03 -14.06 6.38
C GLY B 175 -3.18 -15.03 6.56
N THR B 176 -4.13 -14.57 7.37
CA THR B 176 -5.34 -15.35 7.63
C THR B 176 -6.55 -14.46 7.58
N ALA B 177 -7.74 -15.09 7.35
CA ALA B 177 -9.03 -14.55 7.47
C ALA B 177 -9.70 -15.23 8.71
N VAL B 178 -10.36 -14.43 9.48
CA VAL B 178 -11.03 -14.88 10.73
C VAL B 178 -12.39 -14.26 10.78
N GLY B 179 -13.41 -15.12 10.76
CA GLY B 179 -14.81 -14.66 10.94
C GLY B 179 -15.21 -14.55 12.37
N VAL B 180 -16.30 -13.82 12.59
CA VAL B 180 -16.82 -13.60 13.90
C VAL B 180 -18.33 -13.93 13.88
N ASN B 181 -18.75 -14.75 14.86
CA ASN B 181 -20.17 -15.07 15.11
C ASN B 181 -20.49 -14.79 16.59
N ASN B 182 -21.41 -13.89 16.82
CA ASN B 182 -21.67 -13.40 18.17
C ASN B 182 -22.87 -14.22 18.67
C1 GOL C . 5.25 -10.07 -2.42
O1 GOL C . 4.22 -10.95 -2.76
C2 GOL C . 5.30 -9.70 -0.95
O2 GOL C . 4.10 -9.06 -0.47
C3 GOL C . 5.59 -10.94 -0.15
O3 GOL C . 5.96 -10.53 1.17
C1 AVN D . 3.86 3.36 -2.02
O1 AVN D . 3.35 3.23 -3.13
O2 AVN D . 3.41 4.17 -1.18
C2 AVN D . 5.03 2.53 -1.66
N1 AVN D . 6.01 3.26 -0.87
C3 AVN D . 4.45 1.44 -0.78
O3 AVN D . 3.58 0.56 -1.52
N2 AVN D . 3.35 -0.41 -0.66
C4 AVN D . 4.23 -0.44 0.24
C5 AVN D . 5.29 0.64 0.06
CA CA E . 0.31 -14.59 -6.39
#